data_5K9G
#
_entry.id   5K9G
#
_cell.length_a   92.707
_cell.length_b   100.557
_cell.length_c   114.017
_cell.angle_alpha   90.00
_cell.angle_beta   90.00
_cell.angle_gamma   90.00
#
_symmetry.space_group_name_H-M   'C 2 2 21'
#
loop_
_entity.id
_entity.type
_entity.pdbx_description
1 polymer 'GTP cyclohydrolase FolE2'
2 non-polymer 'ZINC ION'
3 non-polymer 1,2-ETHANEDIOL
4 non-polymer 2-AMINO-2-HYDROXYMETHYL-PROPANE-1,3-DIOL
5 non-polymer 'FORMIC ACID'
6 water water
#
_entity_poly.entity_id   1
_entity_poly.type   'polypeptide(L)'
_entity_poly.pdbx_seq_one_letter_code
;MNAIADVQSSRDLRNLPINQVGIKDLRFPITLKTAEGTQSTVARLTMTVYLPAEQKGTHMSRFVALMEQHTEVLDFAQLH
RLTAEMVALLDSRAGKISVSFPFFRKKTAPVSGIRSLLDYDVSLTGEMKDGAYGHSMKVMIPVTSLCP(SNC)SKEISQY
GAHNQRSHVTVSLTSDAEVGIEEVIDYVETQASCQLYGLLKRPDEKYVTEKAYENPKFVEDMVRDVATSLIADKRIKSFV
VESENFESIHNHSAYAYIAYP
;
_entity_poly.pdbx_strand_id   A,B
#
loop_
_chem_comp.id
_chem_comp.type
_chem_comp.name
_chem_comp.formula
EDO non-polymer 1,2-ETHANEDIOL 'C2 H6 O2'
FMT non-polymer 'FORMIC ACID' 'C H2 O2'
TRS non-polymer 2-AMINO-2-HYDROXYMETHYL-PROPANE-1,3-DIOL 'C4 H12 N O3 1'
ZN non-polymer 'ZINC ION' 'Zn 2'
#
# COMPACT_ATOMS: atom_id res chain seq x y z
N LEU A 13 29.80 -13.20 3.30
CA LEU A 13 29.16 -13.33 4.64
C LEU A 13 28.42 -12.06 5.08
N ARG A 14 29.14 -10.94 5.18
CA ARG A 14 28.54 -9.61 5.51
C ARG A 14 27.38 -9.35 4.60
N ASN A 15 27.51 -9.92 3.39
CA ASN A 15 26.62 -9.78 2.23
C ASN A 15 25.31 -10.54 2.36
N LEU A 16 24.24 -9.97 1.79
CA LEU A 16 22.90 -10.46 2.01
C LEU A 16 22.21 -10.53 0.68
N PRO A 17 21.35 -11.55 0.49
CA PRO A 17 20.59 -11.53 -0.78
C PRO A 17 19.54 -10.41 -0.67
N ILE A 18 19.17 -9.86 -1.81
CA ILE A 18 18.09 -8.84 -1.85
C ILE A 18 16.86 -9.46 -2.52
N ASN A 19 15.74 -9.44 -1.82
CA ASN A 19 14.51 -10.00 -2.31
C ASN A 19 14.15 -9.50 -3.71
N GLN A 20 14.19 -8.18 -3.90
CA GLN A 20 13.81 -7.64 -5.22
C GLN A 20 14.56 -6.34 -5.36
N VAL A 21 15.14 -6.15 -6.54
CA VAL A 21 15.76 -4.87 -6.86
C VAL A 21 15.50 -4.60 -8.34
N GLY A 22 15.30 -3.32 -8.69
CA GLY A 22 15.13 -2.94 -10.08
C GLY A 22 14.59 -1.53 -10.13
N ILE A 23 13.54 -1.34 -10.94
CA ILE A 23 13.03 0.01 -11.17
C ILE A 23 11.57 0.14 -10.75
N LYS A 24 11.17 1.36 -10.40
CA LYS A 24 9.81 1.54 -9.94
C LYS A 24 9.25 2.82 -10.54
N ASP A 25 7.97 2.76 -10.84
CA ASP A 25 7.16 3.88 -11.35
C ASP A 25 7.70 4.43 -12.67
N LEU A 26 8.11 3.50 -13.51
CA LEU A 26 8.30 3.83 -14.93
C LEU A 26 6.95 3.98 -15.59
N ARG A 27 6.68 5.14 -16.18
CA ARG A 27 5.40 5.33 -16.83
C ARG A 27 5.58 4.93 -18.30
N PHE A 28 4.60 4.26 -18.90
CA PHE A 28 4.82 3.64 -20.22
C PHE A 28 3.47 3.35 -20.96
N PRO A 29 3.30 3.78 -22.22
CA PRO A 29 2.05 3.50 -22.89
C PRO A 29 1.97 1.99 -23.18
N ILE A 30 0.76 1.42 -23.02
CA ILE A 30 0.54 -0.01 -23.33
C ILE A 30 -0.78 -0.25 -24.12
N THR A 31 -0.77 -1.31 -24.89
CA THR A 31 -2.04 -1.83 -25.45
C THR A 31 -2.40 -3.18 -24.78
N LEU A 32 -3.66 -3.32 -24.36
CA LEU A 32 -4.05 -4.39 -23.52
C LEU A 32 -5.18 -5.16 -24.26
N LYS A 33 -5.12 -6.49 -24.28
CA LYS A 33 -6.20 -7.32 -24.90
C LYS A 33 -6.83 -8.14 -23.81
N THR A 34 -8.14 -8.04 -23.64
CA THR A 34 -8.82 -8.90 -22.68
C THR A 34 -9.96 -9.56 -23.51
N ALA A 35 -10.78 -10.38 -22.87
CA ALA A 35 -11.92 -11.05 -23.54
C ALA A 35 -12.85 -10.06 -24.34
N GLU A 36 -12.99 -8.82 -23.90
CA GLU A 36 -13.98 -7.97 -24.50
C GLU A 36 -13.48 -7.11 -25.65
N GLY A 37 -12.16 -7.13 -25.87
CA GLY A 37 -11.52 -6.31 -26.87
C GLY A 37 -10.12 -5.81 -26.49
N THR A 38 -9.62 -4.91 -27.33
CA THR A 38 -8.23 -4.37 -27.17
C THR A 38 -8.33 -2.88 -26.92
N GLN A 39 -7.48 -2.30 -26.05
CA GLN A 39 -7.57 -0.90 -25.74
C GLN A 39 -6.20 -0.36 -25.42
N SER A 40 -6.03 0.92 -25.72
CA SER A 40 -4.76 1.61 -25.39
C SER A 40 -4.82 2.36 -24.07
N THR A 41 -3.86 2.11 -23.18
CA THR A 41 -3.91 2.85 -21.90
C THR A 41 -2.48 3.29 -21.49
N VAL A 42 -2.31 3.81 -20.27
CA VAL A 42 -0.94 4.24 -19.86
C VAL A 42 -0.71 3.56 -18.51
N ALA A 43 0.44 2.97 -18.29
CA ALA A 43 0.69 2.15 -17.08
C ALA A 43 1.84 2.74 -16.26
N ARG A 44 1.94 2.35 -15.00
CA ARG A 44 3.15 2.51 -14.22
CA ARG A 44 3.16 2.53 -14.28
C ARG A 44 3.68 1.10 -14.00
N LEU A 45 5.01 0.91 -14.18
CA LEU A 45 5.66 -0.41 -14.03
C LEU A 45 6.64 -0.44 -12.88
N THR A 46 6.68 -1.57 -12.16
CA THR A 46 7.74 -1.81 -11.22
C THR A 46 8.28 -3.17 -11.66
N MET A 47 9.59 -3.21 -11.94
CA MET A 47 10.23 -4.41 -12.55
C MET A 47 11.48 -4.69 -11.73
N THR A 48 11.56 -5.90 -11.13
CA THR A 48 12.60 -6.18 -10.17
C THR A 48 13.10 -7.65 -10.31
N VAL A 49 14.32 -7.95 -9.85
CA VAL A 49 14.76 -9.38 -9.86
C VAL A 49 15.40 -9.66 -8.51
N TYR A 50 15.54 -10.92 -8.17
CA TYR A 50 16.32 -11.33 -6.97
C TYR A 50 17.76 -11.11 -7.19
N LEU A 51 18.48 -10.68 -6.14
CA LEU A 51 19.93 -10.44 -6.21
C LEU A 51 20.60 -11.35 -5.16
N PRO A 52 21.37 -12.40 -5.59
CA PRO A 52 22.04 -13.31 -4.66
C PRO A 52 23.07 -12.55 -3.83
N ALA A 53 23.32 -13.06 -2.62
CA ALA A 53 24.33 -12.47 -1.72
C ALA A 53 25.63 -12.06 -2.37
N GLU A 54 26.16 -12.95 -3.22
CA GLU A 54 27.45 -12.70 -3.85
C GLU A 54 27.53 -11.62 -4.94
N GLN A 55 26.41 -11.12 -5.43
CA GLN A 55 26.48 -10.22 -6.59
C GLN A 55 26.29 -8.80 -6.10
N LYS A 56 27.07 -7.86 -6.61
CA LYS A 56 27.05 -6.51 -6.07
C LYS A 56 25.80 -5.72 -6.45
N GLY A 57 25.36 -5.89 -7.69
CA GLY A 57 24.30 -5.07 -8.24
C GLY A 57 23.64 -5.75 -9.42
N THR A 58 22.43 -5.29 -9.74
CA THR A 58 21.71 -5.71 -10.93
C THR A 58 22.04 -4.77 -12.10
N HIS A 59 21.35 -4.93 -13.25
CA HIS A 59 21.62 -4.16 -14.46
C HIS A 59 20.42 -3.29 -14.85
N MET A 60 20.38 -2.06 -14.32
CA MET A 60 19.11 -1.27 -14.25
C MET A 60 18.60 -0.89 -15.60
N SER A 61 19.51 -0.68 -16.55
CA SER A 61 19.05 -0.22 -17.90
C SER A 61 18.31 -1.31 -18.73
N ARG A 62 18.52 -2.58 -18.36
CA ARG A 62 17.96 -3.73 -19.08
C ARG A 62 16.48 -3.83 -18.85
N PHE A 63 15.98 -3.25 -17.73
CA PHE A 63 14.54 -3.29 -17.47
C PHE A 63 13.87 -2.35 -18.46
N VAL A 64 14.45 -1.19 -18.67
CA VAL A 64 13.87 -0.25 -19.64
C VAL A 64 14.00 -0.78 -21.09
N ALA A 65 15.20 -1.33 -21.42
CA ALA A 65 15.48 -2.04 -22.72
C ALA A 65 14.33 -3.04 -23.06
N LEU A 66 13.97 -3.86 -22.06
CA LEU A 66 12.93 -4.84 -22.24
C LEU A 66 11.59 -4.24 -22.67
N MET A 67 11.14 -3.18 -22.00
CA MET A 67 9.88 -2.52 -22.37
C MET A 67 9.99 -1.84 -23.74
N GLU A 68 11.15 -1.26 -24.04
CA GLU A 68 11.33 -0.55 -25.30
C GLU A 68 11.31 -1.54 -26.50
N GLN A 69 11.79 -2.78 -26.29
CA GLN A 69 11.87 -3.79 -27.38
C GLN A 69 10.63 -4.69 -27.53
N HIS A 70 9.91 -4.97 -26.46
N HIS A 70 9.96 -4.95 -26.42
CA HIS A 70 8.70 -5.80 -26.59
CA HIS A 70 8.62 -5.53 -26.39
C HIS A 70 7.41 -5.03 -26.84
C HIS A 70 7.67 -4.58 -27.07
N THR A 71 7.02 -5.05 -28.12
CA THR A 71 5.96 -4.28 -28.72
C THR A 71 4.64 -5.07 -28.84
N GLU A 72 4.56 -6.27 -28.25
CA GLU A 72 3.33 -7.07 -28.34
C GLU A 72 2.28 -6.51 -27.41
N VAL A 73 1.00 -6.83 -27.69
CA VAL A 73 -0.12 -6.42 -26.90
C VAL A 73 0.00 -7.16 -25.56
N LEU A 74 -0.38 -6.51 -24.46
CA LEU A 74 -0.37 -7.20 -23.18
C LEU A 74 -1.64 -8.01 -22.93
N ASP A 75 -1.45 -9.22 -22.42
CA ASP A 75 -2.50 -10.12 -21.91
C ASP A 75 -1.81 -11.06 -20.91
N PHE A 76 -2.52 -12.04 -20.31
CA PHE A 76 -1.82 -12.84 -19.29
CA PHE A 76 -1.95 -12.95 -19.31
C PHE A 76 -0.73 -13.70 -19.90
N ALA A 77 -0.86 -14.10 -21.17
CA ALA A 77 0.18 -14.90 -21.82
C ALA A 77 1.39 -14.03 -22.03
N GLN A 78 1.17 -12.77 -22.49
CA GLN A 78 2.30 -11.89 -22.74
C GLN A 78 3.00 -11.43 -21.45
N LEU A 79 2.26 -11.28 -20.36
CA LEU A 79 2.92 -10.87 -19.10
C LEU A 79 3.84 -12.00 -18.62
N HIS A 80 3.37 -13.25 -18.74
CA HIS A 80 4.24 -14.39 -18.49
C HIS A 80 5.57 -14.38 -19.29
N ARG A 81 5.45 -14.29 -20.61
CA ARG A 81 6.60 -14.22 -21.53
C ARG A 81 7.52 -13.09 -21.12
N LEU A 82 6.92 -11.98 -20.72
CA LEU A 82 7.70 -10.79 -20.40
C LEU A 82 8.52 -10.94 -19.12
N THR A 83 7.91 -11.50 -18.11
CA THR A 83 8.56 -11.80 -16.86
C THR A 83 9.65 -12.88 -17.03
N ALA A 84 9.33 -13.94 -17.78
CA ALA A 84 10.38 -14.94 -18.12
C ALA A 84 11.56 -14.36 -18.89
N GLU A 85 11.31 -13.54 -19.92
CA GLU A 85 12.33 -12.87 -20.62
C GLU A 85 13.15 -11.93 -19.73
N MET A 86 12.48 -11.14 -18.89
CA MET A 86 13.21 -10.29 -17.91
C MET A 86 14.21 -11.06 -17.03
N VAL A 87 13.79 -12.09 -16.31
CA VAL A 87 14.74 -12.86 -15.48
C VAL A 87 15.94 -13.42 -16.28
N ALA A 88 15.70 -13.84 -17.52
CA ALA A 88 16.77 -14.26 -18.42
C ALA A 88 17.68 -13.11 -18.80
N LEU A 89 17.08 -11.96 -19.20
CA LEU A 89 17.84 -10.82 -19.60
C LEU A 89 18.65 -10.27 -18.44
N LEU A 90 18.10 -10.38 -17.23
CA LEU A 90 18.76 -9.84 -16.05
C LEU A 90 19.75 -10.80 -15.38
N ASP A 91 19.74 -12.07 -15.85
CA ASP A 91 20.61 -13.17 -15.36
C ASP A 91 20.33 -13.53 -13.94
N SER A 92 19.04 -13.67 -13.64
CA SER A 92 18.59 -13.94 -12.31
C SER A 92 17.71 -15.19 -12.27
N ARG A 93 17.60 -15.74 -11.08
CA ARG A 93 16.74 -16.90 -10.88
C ARG A 93 15.27 -16.52 -10.52
N ALA A 94 14.97 -15.24 -10.29
CA ALA A 94 13.62 -14.84 -9.82
C ALA A 94 13.35 -13.33 -10.05
N GLY A 95 12.08 -12.98 -10.24
CA GLY A 95 11.71 -11.56 -10.48
C GLY A 95 10.23 -11.37 -10.60
N LYS A 96 9.82 -10.07 -10.59
CA LYS A 96 8.42 -9.66 -10.60
C LYS A 96 8.27 -8.48 -11.63
N ILE A 97 7.14 -8.46 -12.33
CA ILE A 97 6.70 -7.26 -13.08
C ILE A 97 5.30 -6.97 -12.60
N SER A 98 5.11 -5.71 -12.11
CA SER A 98 3.78 -5.19 -11.70
C SER A 98 3.40 -4.05 -12.66
N VAL A 99 2.22 -4.14 -13.26
CA VAL A 99 1.81 -3.10 -14.18
C VAL A 99 0.44 -2.58 -13.80
N SER A 100 0.36 -1.25 -13.53
CA SER A 100 -0.84 -0.62 -13.00
CA SER A 100 -0.89 -0.66 -13.07
C SER A 100 -1.36 0.38 -14.06
N PHE A 101 -2.66 0.44 -14.27
CA PHE A 101 -3.20 1.33 -15.33
C PHE A 101 -4.71 1.54 -15.18
N PRO A 102 -5.25 2.64 -15.75
CA PRO A 102 -6.71 2.71 -15.78
C PRO A 102 -7.23 1.81 -16.92
N PHE A 103 -8.42 1.26 -16.70
CA PHE A 103 -9.01 0.27 -17.62
C PHE A 103 -10.45 0.71 -17.92
N PHE A 104 -10.80 0.87 -19.21
CA PHE A 104 -12.12 1.33 -19.60
C PHE A 104 -13.03 0.15 -20.09
N ARG A 105 -14.30 0.23 -19.73
CA ARG A 105 -15.29 -0.72 -20.20
C ARG A 105 -16.52 0.01 -20.68
N LYS A 106 -17.10 -0.49 -21.76
CA LYS A 106 -18.38 0.11 -22.28
C LYS A 106 -19.58 -0.32 -21.44
N LYS A 107 -20.37 0.67 -21.00
CA LYS A 107 -21.56 0.40 -20.21
C LYS A 107 -22.78 0.95 -20.92
N THR A 108 -23.95 0.46 -20.52
CA THR A 108 -25.26 0.89 -21.08
C THR A 108 -26.19 1.31 -19.93
N ALA A 109 -26.80 2.50 -20.07
CA ALA A 109 -27.72 3.07 -19.08
C ALA A 109 -28.95 2.17 -18.93
N PRO A 110 -29.44 1.98 -17.66
CA PRO A 110 -30.39 0.89 -17.43
C PRO A 110 -31.79 1.11 -18.05
N VAL A 111 -32.21 2.35 -18.33
CA VAL A 111 -33.53 2.63 -18.97
C VAL A 111 -33.37 3.12 -20.42
N SER A 112 -32.64 4.22 -20.62
CA SER A 112 -32.42 4.78 -21.98
C SER A 112 -31.68 3.83 -22.96
N GLY A 113 -30.87 2.89 -22.45
CA GLY A 113 -29.89 2.14 -23.29
C GLY A 113 -28.70 2.94 -23.85
N ILE A 114 -28.56 4.22 -23.45
CA ILE A 114 -27.41 5.08 -23.83
C ILE A 114 -26.04 4.57 -23.28
N ARG A 115 -25.06 4.47 -24.19
CA ARG A 115 -23.79 3.84 -23.82
C ARG A 115 -22.75 4.88 -23.42
N SER A 116 -21.89 4.51 -22.45
CA SER A 116 -20.78 5.35 -22.05
C SER A 116 -19.70 4.45 -21.47
N LEU A 117 -18.48 5.00 -21.34
CA LEU A 117 -17.34 4.31 -20.70
C LEU A 117 -17.43 4.45 -19.22
N LEU A 118 -16.93 3.44 -18.50
CA LEU A 118 -16.54 3.64 -17.10
C LEU A 118 -15.09 3.21 -16.95
N ASP A 119 -14.41 3.88 -16.00
CA ASP A 119 -12.99 3.67 -15.75
C ASP A 119 -12.78 2.95 -14.44
N TYR A 120 -11.90 1.94 -14.47
CA TYR A 120 -11.52 1.10 -13.31
C TYR A 120 -9.98 1.20 -13.10
N ASP A 121 -9.49 0.91 -11.90
CA ASP A 121 -8.00 0.91 -11.73
C ASP A 121 -7.54 -0.53 -11.55
N VAL A 122 -6.54 -0.95 -12.33
CA VAL A 122 -6.14 -2.35 -12.40
C VAL A 122 -4.62 -2.48 -12.18
N SER A 123 -4.19 -3.52 -11.47
CA SER A 123 -2.80 -3.92 -11.50
C SER A 123 -2.70 -5.38 -11.81
N LEU A 124 -1.72 -5.76 -12.61
CA LEU A 124 -1.44 -7.17 -12.98
C LEU A 124 -0.02 -7.42 -12.54
N THR A 125 0.24 -8.54 -11.83
CA THR A 125 1.63 -8.93 -11.46
C THR A 125 1.99 -10.34 -11.98
N GLY A 126 3.16 -10.48 -12.60
CA GLY A 126 3.76 -11.76 -13.03
C GLY A 126 4.99 -11.97 -12.15
N GLU A 127 5.23 -13.23 -11.69
CA GLU A 127 6.37 -13.52 -10.82
C GLU A 127 7.01 -14.86 -11.20
N MET A 128 8.35 -14.85 -11.41
CA MET A 128 9.13 -16.08 -11.63
C MET A 128 9.89 -16.40 -10.35
N LYS A 129 9.86 -17.67 -9.96
CA LYS A 129 10.73 -18.21 -8.89
C LYS A 129 11.36 -19.54 -9.36
N ASP A 130 12.60 -19.48 -9.85
CA ASP A 130 13.34 -20.70 -10.28
C ASP A 130 12.60 -21.46 -11.35
N GLY A 131 12.21 -20.79 -12.42
CA GLY A 131 11.42 -21.45 -13.43
C GLY A 131 9.92 -21.54 -13.24
N ALA A 132 9.40 -21.51 -11.99
CA ALA A 132 7.92 -21.49 -11.69
C ALA A 132 7.32 -20.08 -11.79
N TYR A 133 6.26 -19.95 -12.60
CA TYR A 133 5.52 -18.69 -12.81
C TYR A 133 4.25 -18.63 -12.02
N GLY A 134 3.93 -17.47 -11.43
CA GLY A 134 2.65 -17.25 -10.77
C GLY A 134 2.22 -15.81 -11.14
N HIS A 135 0.92 -15.50 -11.06
CA HIS A 135 0.38 -14.21 -11.55
C HIS A 135 -0.71 -13.89 -10.58
N SER A 136 -0.96 -12.60 -10.33
CA SER A 136 -2.00 -12.15 -9.47
C SER A 136 -2.57 -10.85 -10.11
N MET A 137 -3.60 -10.30 -9.49
CA MET A 137 -4.22 -9.12 -10.06
C MET A 137 -4.96 -8.37 -8.98
N LYS A 138 -5.22 -7.08 -9.26
CA LYS A 138 -6.02 -6.32 -8.36
C LYS A 138 -6.85 -5.37 -9.21
N VAL A 139 -8.08 -5.13 -8.78
CA VAL A 139 -9.04 -4.26 -9.46
C VAL A 139 -9.80 -3.48 -8.44
N MET A 140 -9.80 -2.16 -8.62
CA MET A 140 -10.65 -1.28 -7.87
CA MET A 140 -10.64 -1.27 -7.86
C MET A 140 -11.85 -0.90 -8.70
N ILE A 141 -13.02 -1.18 -8.14
CA ILE A 141 -14.34 -0.98 -8.80
C ILE A 141 -15.08 0.05 -7.95
N PRO A 142 -15.42 1.21 -8.55
CA PRO A 142 -16.19 2.22 -7.88
C PRO A 142 -17.67 1.90 -8.04
N VAL A 143 -18.38 1.83 -6.92
CA VAL A 143 -19.81 1.50 -6.93
C VAL A 143 -20.57 2.54 -6.09
N THR A 144 -21.89 2.46 -6.10
CA THR A 144 -22.74 3.20 -5.11
C THR A 144 -23.08 2.28 -3.93
N SER A 145 -22.87 2.80 -2.71
CA SER A 145 -23.28 2.08 -1.46
C SER A 145 -24.37 2.90 -0.78
N LEU A 146 -25.35 2.21 -0.20
CA LEU A 146 -26.49 2.92 0.43
C LEU A 146 -26.78 2.27 1.77
N CYS A 147 -26.89 3.10 2.80
CA CYS A 147 -26.87 2.58 4.15
C CYS A 147 -28.27 2.05 4.62
N PRO A 148 -28.35 0.74 5.00
CA PRO A 148 -29.65 0.17 5.48
C PRO A 148 -30.12 0.82 6.79
N SNC A 149 -29.17 1.11 7.70
CA SNC A 149 -29.49 1.78 8.97
CB SNC A 149 -28.25 1.86 9.89
SG SNC A 149 -28.64 2.71 11.40
ND SNC A 149 -29.56 1.64 12.21
OE SNC A 149 -30.75 1.45 11.95
C SNC A 149 -30.22 3.12 8.72
O SNC A 149 -31.32 3.35 9.28
N SER A 150 -29.64 4.01 7.88
CA SER A 150 -30.19 5.32 7.45
C SER A 150 -31.67 5.23 7.01
N LYS A 151 -31.93 4.33 6.05
CA LYS A 151 -33.25 4.12 5.47
C LYS A 151 -34.30 3.66 6.52
N GLU A 152 -33.92 2.61 7.26
CA GLU A 152 -34.77 1.98 8.28
C GLU A 152 -35.20 2.95 9.38
N ILE A 153 -34.27 3.79 9.86
CA ILE A 153 -34.53 4.70 11.00
C ILE A 153 -35.17 6.01 10.54
N SER A 154 -35.02 6.35 9.25
CA SER A 154 -35.51 7.59 8.67
CA SER A 154 -35.54 7.59 8.70
C SER A 154 -36.89 7.39 8.06
N GLN A 155 -37.78 8.35 8.32
CA GLN A 155 -39.14 8.39 7.73
C GLN A 155 -39.06 8.63 6.20
N TYR A 156 -37.99 9.28 5.73
CA TYR A 156 -37.71 9.35 4.28
C TYR A 156 -36.20 9.48 4.03
N GLY A 157 -35.78 9.01 2.85
CA GLY A 157 -34.40 9.14 2.39
C GLY A 157 -33.45 8.14 3.04
N ALA A 158 -32.24 8.10 2.49
CA ALA A 158 -31.15 7.29 3.05
C ALA A 158 -29.83 7.81 2.54
N HIS A 159 -28.87 7.92 3.45
CA HIS A 159 -27.57 8.40 3.00
C HIS A 159 -26.90 7.31 2.12
N ASN A 160 -26.15 7.79 1.13
CA ASN A 160 -25.42 6.96 0.15
C ASN A 160 -24.19 7.76 -0.34
N GLN A 161 -23.28 7.09 -1.01
CA GLN A 161 -21.94 7.64 -1.34
C GLN A 161 -21.28 6.68 -2.32
N ARG A 162 -20.36 7.20 -3.13
CA ARG A 162 -19.42 6.33 -3.84
C ARG A 162 -18.63 5.42 -2.84
N SER A 163 -18.43 4.15 -3.24
CA SER A 163 -17.46 3.30 -2.54
C SER A 163 -16.47 2.73 -3.51
N HIS A 164 -15.26 2.45 -3.04
CA HIS A 164 -14.26 1.81 -3.85
C HIS A 164 -14.19 0.40 -3.30
N VAL A 165 -14.51 -0.60 -4.14
CA VAL A 165 -14.32 -2.03 -3.80
C VAL A 165 -13.09 -2.53 -4.50
N THR A 166 -12.16 -3.08 -3.73
CA THR A 166 -10.88 -3.52 -4.27
C THR A 166 -10.77 -5.00 -4.11
N VAL A 167 -10.59 -5.70 -5.21
CA VAL A 167 -10.37 -7.14 -5.15
C VAL A 167 -8.95 -7.48 -5.53
N SER A 168 -8.20 -8.17 -4.64
CA SER A 168 -6.93 -8.70 -5.03
CA SER A 168 -6.91 -8.72 -5.01
C SER A 168 -7.03 -10.23 -5.05
N LEU A 169 -6.50 -10.85 -6.09
CA LEU A 169 -6.51 -12.34 -6.14
C LEU A 169 -5.30 -12.98 -6.80
N THR A 170 -5.02 -14.22 -6.41
CA THR A 170 -4.09 -15.05 -7.14
CA THR A 170 -4.10 -15.07 -7.17
C THR A 170 -4.84 -16.34 -7.60
N SER A 171 -4.59 -16.75 -8.82
CA SER A 171 -5.26 -17.90 -9.45
C SER A 171 -4.23 -18.63 -10.27
N ASP A 172 -4.51 -19.91 -10.57
CA ASP A 172 -3.64 -20.67 -11.46
CA ASP A 172 -3.62 -20.61 -11.46
C ASP A 172 -4.06 -20.44 -12.92
N ALA A 173 -5.35 -20.65 -13.20
CA ALA A 173 -5.84 -20.33 -14.53
C ALA A 173 -6.19 -18.86 -14.49
N GLU A 174 -6.24 -18.28 -15.69
CA GLU A 174 -6.55 -16.90 -15.91
C GLU A 174 -7.98 -16.52 -15.45
N VAL A 175 -8.12 -15.37 -14.79
CA VAL A 175 -9.42 -14.80 -14.39
C VAL A 175 -9.43 -13.40 -15.06
N GLY A 176 -10.45 -13.13 -15.88
CA GLY A 176 -10.50 -11.90 -16.67
C GLY A 176 -10.75 -10.68 -15.82
N ILE A 177 -10.19 -9.53 -16.25
CA ILE A 177 -10.49 -8.29 -15.49
C ILE A 177 -11.99 -8.05 -15.42
N GLU A 178 -12.67 -8.15 -16.56
CA GLU A 178 -14.13 -8.00 -16.60
CA GLU A 178 -14.12 -7.95 -16.59
C GLU A 178 -14.90 -8.93 -15.71
N GLU A 179 -14.36 -10.14 -15.50
CA GLU A 179 -15.05 -11.11 -14.61
C GLU A 179 -15.03 -10.61 -13.16
N VAL A 180 -13.87 -10.05 -12.74
CA VAL A 180 -13.74 -9.45 -11.39
C VAL A 180 -14.69 -8.27 -11.30
N ILE A 181 -14.73 -7.43 -12.35
CA ILE A 181 -15.66 -6.35 -12.36
C ILE A 181 -17.13 -6.82 -12.15
N ASP A 182 -17.55 -7.82 -12.93
CA ASP A 182 -18.91 -8.39 -12.83
C ASP A 182 -19.20 -9.01 -11.48
N TYR A 183 -18.26 -9.76 -10.92
CA TYR A 183 -18.48 -10.27 -9.55
C TYR A 183 -18.81 -9.18 -8.57
N VAL A 184 -18.20 -7.97 -8.71
CA VAL A 184 -18.45 -6.87 -7.73
C VAL A 184 -19.71 -6.13 -8.05
N GLU A 185 -19.83 -5.71 -9.32
CA GLU A 185 -20.92 -4.85 -9.74
C GLU A 185 -22.29 -5.54 -9.58
N THR A 186 -22.30 -6.85 -9.75
CA THR A 186 -23.50 -7.73 -9.50
CA THR A 186 -23.53 -7.64 -9.52
C THR A 186 -24.02 -7.57 -8.08
N GLN A 187 -23.10 -7.34 -7.15
CA GLN A 187 -23.42 -7.30 -5.73
C GLN A 187 -23.73 -5.89 -5.19
N ALA A 188 -23.49 -4.84 -5.97
CA ALA A 188 -23.54 -3.46 -5.38
C ALA A 188 -24.97 -2.96 -5.22
N SER A 189 -25.20 -2.06 -4.22
CA SER A 189 -26.54 -1.38 -4.06
C SER A 189 -26.99 -0.88 -5.44
N CYS A 190 -26.05 -0.18 -6.10
CA CYS A 190 -26.14 0.17 -7.53
C CYS A 190 -24.76 0.52 -8.10
N GLN A 191 -24.62 0.25 -9.38
CA GLN A 191 -23.35 0.50 -10.07
C GLN A 191 -23.40 1.88 -10.74
N LEU A 192 -22.21 2.35 -11.10
CA LEU A 192 -22.01 3.70 -11.65
C LEU A 192 -22.13 3.72 -13.18
N TYR A 193 -22.63 4.85 -13.68
CA TYR A 193 -22.58 5.14 -15.12
C TYR A 193 -22.09 6.60 -15.30
N GLY A 194 -21.30 6.81 -16.35
CA GLY A 194 -20.87 8.14 -16.76
C GLY A 194 -22.04 8.97 -17.29
N LEU A 195 -22.86 8.36 -18.15
CA LEU A 195 -23.98 9.05 -18.83
C LEU A 195 -25.35 8.46 -18.43
N LEU A 196 -26.14 9.31 -17.79
CA LEU A 196 -27.44 8.95 -17.26
C LEU A 196 -28.44 10.01 -17.71
N LYS A 197 -29.50 9.57 -18.40
CA LYS A 197 -30.69 10.41 -18.70
C LYS A 197 -31.65 10.45 -17.50
N ARG A 198 -32.68 11.30 -17.54
CA ARG A 198 -33.65 11.41 -16.42
C ARG A 198 -34.27 10.07 -15.92
N PRO A 199 -34.84 9.22 -16.83
CA PRO A 199 -35.34 7.87 -16.41
C PRO A 199 -34.28 6.95 -15.76
N ASP A 200 -33.06 6.96 -16.32
CA ASP A 200 -31.92 6.18 -15.75
C ASP A 200 -31.54 6.63 -14.36
N GLU A 201 -31.51 7.97 -14.15
CA GLU A 201 -31.31 8.52 -12.81
C GLU A 201 -32.46 8.11 -11.83
N LYS A 202 -33.72 8.14 -12.33
CA LYS A 202 -34.87 7.59 -11.55
C LYS A 202 -34.62 6.09 -11.23
N TYR A 203 -34.16 5.32 -12.23
CA TYR A 203 -33.85 3.91 -12.04
C TYR A 203 -32.75 3.63 -10.99
N VAL A 204 -31.62 4.34 -11.09
CA VAL A 204 -30.49 4.10 -10.16
C VAL A 204 -30.83 4.57 -8.69
N THR A 205 -31.46 5.75 -8.58
CA THR A 205 -31.93 6.30 -7.28
C THR A 205 -32.76 5.22 -6.52
N GLU A 206 -33.74 4.67 -7.24
CA GLU A 206 -34.66 3.67 -6.66
C GLU A 206 -34.01 2.34 -6.36
N LYS A 207 -33.31 1.74 -7.35
CA LYS A 207 -32.55 0.48 -7.13
C LYS A 207 -31.62 0.54 -5.86
N ALA A 208 -30.87 1.64 -5.72
CA ALA A 208 -29.93 1.77 -4.60
C ALA A 208 -30.68 1.74 -3.26
N TYR A 209 -31.74 2.56 -3.18
CA TYR A 209 -32.72 2.58 -2.05
C TYR A 209 -33.26 1.17 -1.75
N GLU A 210 -33.64 0.46 -2.82
CA GLU A 210 -34.26 -0.88 -2.71
C GLU A 210 -33.27 -1.98 -2.25
N ASN A 211 -31.98 -1.67 -2.39
CA ASN A 211 -30.89 -2.65 -2.20
CA ASN A 211 -30.88 -2.63 -2.25
C ASN A 211 -29.82 -2.08 -1.22
N PRO A 212 -30.25 -1.56 0.00
CA PRO A 212 -29.21 -0.97 0.88
C PRO A 212 -28.23 -2.05 1.37
N LYS A 213 -26.96 -1.69 1.58
CA LYS A 213 -25.93 -2.65 1.99
C LYS A 213 -24.87 -1.92 2.82
N PHE A 214 -24.57 -2.48 3.97
CA PHE A 214 -23.41 -2.07 4.76
C PHE A 214 -22.10 -2.45 4.02
N VAL A 215 -21.00 -1.81 4.42
CA VAL A 215 -19.69 -2.23 3.96
C VAL A 215 -19.46 -3.73 4.29
N GLU A 216 -19.97 -4.20 5.44
CA GLU A 216 -19.84 -5.62 5.83
C GLU A 216 -20.56 -6.53 4.79
N ASP A 217 -21.77 -6.13 4.43
CA ASP A 217 -22.61 -6.91 3.48
C ASP A 217 -21.91 -7.00 2.17
N MET A 218 -21.32 -5.87 1.75
CA MET A 218 -20.63 -5.81 0.45
C MET A 218 -19.42 -6.75 0.38
N VAL A 219 -18.54 -6.70 1.38
CA VAL A 219 -17.39 -7.60 1.32
C VAL A 219 -17.82 -9.06 1.38
N ARG A 220 -18.85 -9.35 2.17
CA ARG A 220 -19.34 -10.76 2.29
C ARG A 220 -19.93 -11.29 1.01
N ASP A 221 -20.76 -10.48 0.34
CA ASP A 221 -21.38 -10.92 -0.95
C ASP A 221 -20.36 -11.13 -2.00
N VAL A 222 -19.32 -10.29 -2.07
CA VAL A 222 -18.29 -10.51 -3.10
C VAL A 222 -17.46 -11.71 -2.74
N ALA A 223 -17.16 -11.84 -1.45
CA ALA A 223 -16.22 -12.93 -1.05
C ALA A 223 -16.84 -14.32 -1.34
N THR A 224 -18.15 -14.43 -1.06
CA THR A 224 -18.92 -15.65 -1.39
CA THR A 224 -18.91 -15.64 -1.39
C THR A 224 -18.68 -16.02 -2.86
N SER A 225 -18.75 -15.03 -3.77
CA SER A 225 -18.55 -15.39 -5.16
C SER A 225 -17.16 -15.86 -5.41
N LEU A 226 -16.17 -15.17 -4.81
CA LEU A 226 -14.82 -15.53 -5.11
C LEU A 226 -14.47 -16.92 -4.53
N ILE A 227 -15.01 -17.25 -3.37
CA ILE A 227 -14.71 -18.58 -2.77
C ILE A 227 -15.16 -19.75 -3.73
N ALA A 228 -16.36 -19.58 -4.29
CA ALA A 228 -16.99 -20.50 -5.28
C ALA A 228 -16.18 -20.71 -6.54
N ASP A 229 -15.44 -19.69 -6.98
CA ASP A 229 -14.64 -19.81 -8.21
C ASP A 229 -13.42 -20.71 -7.99
N LYS A 230 -13.41 -21.84 -8.68
CA LYS A 230 -12.36 -22.85 -8.49
C LYS A 230 -10.96 -22.38 -8.89
N ARG A 231 -10.87 -21.35 -9.74
CA ARG A 231 -9.54 -20.79 -10.19
C ARG A 231 -8.78 -20.08 -9.09
N ILE A 232 -9.49 -19.58 -8.10
CA ILE A 232 -8.95 -18.57 -7.18
C ILE A 232 -8.33 -19.29 -5.98
N LYS A 233 -7.00 -19.14 -5.82
CA LYS A 233 -6.28 -19.79 -4.69
C LYS A 233 -6.30 -18.94 -3.42
N SER A 234 -6.18 -17.63 -3.55
CA SER A 234 -6.33 -16.73 -2.39
C SER A 234 -6.86 -15.39 -2.90
N PHE A 235 -7.44 -14.62 -2.01
CA PHE A 235 -7.94 -13.29 -2.34
C PHE A 235 -8.04 -12.40 -1.11
N VAL A 236 -8.10 -11.10 -1.40
CA VAL A 236 -8.52 -10.10 -0.41
C VAL A 236 -9.66 -9.28 -1.04
N VAL A 237 -10.74 -9.05 -0.29
CA VAL A 237 -11.78 -8.10 -0.74
C VAL A 237 -11.87 -7.00 0.24
N GLU A 238 -11.64 -5.76 -0.23
CA GLU A 238 -11.83 -4.60 0.62
C GLU A 238 -12.96 -3.76 0.10
N SER A 239 -13.64 -3.13 1.03
CA SER A 239 -14.55 -2.09 0.58
C SER A 239 -14.40 -0.85 1.43
N GLU A 240 -14.34 0.30 0.74
CA GLU A 240 -14.27 1.59 1.46
C GLU A 240 -15.45 2.49 1.07
N ASN A 241 -16.23 2.94 2.05
CA ASN A 241 -17.43 3.70 1.75
C ASN A 241 -17.16 5.10 2.20
N PHE A 242 -17.18 6.06 1.27
CA PHE A 242 -16.85 7.46 1.62
C PHE A 242 -18.10 8.11 2.20
N GLU A 243 -18.43 7.65 3.42
CA GLU A 243 -19.64 8.02 4.17
C GLU A 243 -20.01 9.47 3.94
N SER A 244 -21.23 9.67 3.43
CA SER A 244 -21.65 11.02 3.00
C SER A 244 -22.00 11.90 4.21
N ILE A 245 -22.09 11.28 5.40
CA ILE A 245 -22.45 11.93 6.68
C ILE A 245 -21.27 12.21 7.64
N HIS A 246 -20.10 11.64 7.30
CA HIS A 246 -18.85 11.76 8.08
C HIS A 246 -17.77 12.34 7.23
N ASN A 247 -16.64 12.67 7.83
CA ASN A 247 -15.42 12.95 7.03
C ASN A 247 -14.34 11.84 7.15
N HIS A 248 -14.76 10.63 7.42
CA HIS A 248 -13.78 9.50 7.40
C HIS A 248 -14.57 8.41 6.69
N SER A 249 -13.98 7.24 6.48
CA SER A 249 -14.60 6.18 5.70
C SER A 249 -15.02 5.01 6.61
N ALA A 250 -16.05 4.29 6.21
CA ALA A 250 -16.31 2.95 6.75
C ALA A 250 -15.52 1.97 5.93
N TYR A 251 -14.89 0.98 6.55
CA TYR A 251 -13.96 0.11 5.83
C TYR A 251 -14.07 -1.36 6.30
N ALA A 252 -13.92 -2.32 5.38
CA ALA A 252 -13.89 -3.73 5.77
C ALA A 252 -13.03 -4.51 4.80
N TYR A 253 -12.48 -5.60 5.29
CA TYR A 253 -11.84 -6.53 4.40
CA TYR A 253 -11.44 -6.42 4.67
C TYR A 253 -11.77 -7.94 4.92
N ILE A 254 -11.84 -8.79 3.92
CA ILE A 254 -11.79 -10.25 4.07
C ILE A 254 -10.65 -10.79 3.29
N ALA A 255 -9.88 -11.63 3.97
CA ALA A 255 -8.77 -12.29 3.34
C ALA A 255 -9.02 -13.77 3.39
N TYR A 256 -8.70 -14.49 2.32
CA TYR A 256 -9.05 -15.90 2.22
C TYR A 256 -7.97 -16.62 1.42
N PRO A 257 -7.57 -17.84 1.81
CA PRO A 257 -8.07 -18.63 2.93
C PRO A 257 -7.47 -18.15 4.26
N ASN B 15 -22.24 -17.74 5.41
CA ASN B 15 -21.85 -16.86 6.56
C ASN B 15 -20.35 -16.79 6.77
N LEU B 16 -19.78 -15.61 6.53
CA LEU B 16 -18.34 -15.43 6.63
C LEU B 16 -17.90 -14.42 7.72
N PRO B 17 -16.88 -14.79 8.52
CA PRO B 17 -16.29 -13.79 9.37
C PRO B 17 -15.58 -12.71 8.48
N ILE B 18 -15.43 -11.49 9.02
CA ILE B 18 -14.67 -10.42 8.35
C ILE B 18 -13.42 -10.18 9.21
N ASN B 19 -12.26 -10.25 8.56
CA ASN B 19 -10.97 -10.08 9.27
C ASN B 19 -10.92 -8.77 10.02
N GLN B 20 -11.34 -7.67 9.37
CA GLN B 20 -11.25 -6.41 10.03
C GLN B 20 -12.34 -5.52 9.46
N VAL B 21 -13.04 -4.83 10.36
CA VAL B 21 -14.06 -3.83 9.98
C VAL B 21 -14.04 -2.69 10.94
N GLY B 22 -14.16 -1.47 10.41
CA GLY B 22 -14.17 -0.31 11.30
C GLY B 22 -14.03 0.95 10.48
N ILE B 23 -13.20 1.89 10.95
CA ILE B 23 -13.11 3.21 10.29
C ILE B 23 -11.73 3.43 9.68
N LYS B 24 -11.65 4.18 8.58
CA LYS B 24 -10.33 4.39 7.93
C LYS B 24 -10.12 5.92 7.64
N ASP B 25 -8.88 6.38 7.86
CA ASP B 25 -8.41 7.72 7.58
C ASP B 25 -9.23 8.76 8.35
N LEU B 26 -9.47 8.47 9.61
CA LEU B 26 -9.95 9.54 10.46
C LEU B 26 -8.74 10.45 10.75
N ARG B 27 -8.84 11.75 10.46
CA ARG B 27 -7.76 12.69 10.80
C ARG B 27 -7.98 13.20 12.20
N PHE B 28 -6.91 13.36 13.00
CA PHE B 28 -7.09 13.66 14.43
C PHE B 28 -5.76 14.16 15.01
N PRO B 29 -5.78 15.27 15.77
CA PRO B 29 -4.59 15.88 16.34
C PRO B 29 -4.14 14.99 17.51
N ILE B 30 -2.82 14.80 17.65
CA ILE B 30 -2.35 13.95 18.76
C ILE B 30 -1.12 14.59 19.43
N THR B 31 -0.84 14.15 20.65
CA THR B 31 0.39 14.52 21.29
C THR B 31 1.15 13.22 21.42
N LEU B 32 2.46 13.26 21.11
CA LEU B 32 3.22 12.04 20.98
C LEU B 32 4.43 12.15 21.93
N LYS B 33 4.65 11.14 22.77
CA LYS B 33 5.81 11.11 23.65
C LYS B 33 6.80 10.03 23.20
N THR B 34 8.07 10.42 23.01
CA THR B 34 9.17 9.47 22.66
C THR B 34 10.32 9.78 23.60
N ALA B 35 11.43 9.04 23.47
CA ALA B 35 12.58 9.18 24.36
C ALA B 35 13.18 10.58 24.36
N GLU B 36 13.08 11.32 23.25
CA GLU B 36 13.74 12.63 23.18
C GLU B 36 12.81 13.77 23.53
N GLY B 37 11.55 13.44 23.82
CA GLY B 37 10.57 14.50 24.14
C GLY B 37 9.16 14.30 23.63
N THR B 38 8.32 15.30 23.89
CA THR B 38 6.91 15.26 23.51
C THR B 38 6.70 16.32 22.41
N GLN B 39 5.86 15.99 21.42
CA GLN B 39 5.47 16.94 20.37
C GLN B 39 4.03 16.75 19.96
N SER B 40 3.49 17.80 19.35
CA SER B 40 2.15 17.73 18.86
C SER B 40 2.18 17.54 17.34
N THR B 41 1.34 16.64 16.86
CA THR B 41 1.29 16.42 15.41
C THR B 41 -0.16 16.12 15.05
N VAL B 42 -0.38 15.73 13.81
CA VAL B 42 -1.70 15.38 13.31
C VAL B 42 -1.66 13.98 12.70
N ALA B 43 -2.59 13.13 13.10
CA ALA B 43 -2.56 11.72 12.67
C ALA B 43 -3.71 11.35 11.71
N ARG B 44 -3.55 10.29 10.92
CA ARG B 44 -4.67 9.56 10.30
C ARG B 44 -4.78 8.27 11.08
N LEU B 45 -6.01 7.85 11.41
CA LEU B 45 -6.19 6.56 12.14
C LEU B 45 -7.06 5.66 11.34
N THR B 46 -6.75 4.38 11.41
CA THR B 46 -7.58 3.31 10.87
C THR B 46 -7.79 2.38 12.11
N MET B 47 -9.07 2.07 12.45
CA MET B 47 -9.39 1.35 13.75
C MET B 47 -10.42 0.31 13.39
N THR B 48 -10.07 -0.96 13.58
CA THR B 48 -10.90 -2.04 13.05
C THR B 48 -10.99 -3.17 14.07
N VAL B 49 -12.04 -3.98 13.95
CA VAL B 49 -12.15 -5.18 14.80
C VAL B 49 -12.58 -6.38 13.92
N TYR B 50 -12.28 -7.59 14.40
CA TYR B 50 -12.76 -8.84 13.83
C TYR B 50 -14.32 -8.89 14.01
N LEU B 51 -15.00 -9.43 13.01
CA LEU B 51 -16.47 -9.55 13.01
C LEU B 51 -16.81 -11.02 12.73
N PRO B 52 -17.39 -11.71 13.73
CA PRO B 52 -17.80 -13.14 13.62
C PRO B 52 -18.84 -13.38 12.51
N ALA B 53 -18.79 -14.59 11.92
CA ALA B 53 -19.63 -14.98 10.77
C ALA B 53 -21.10 -14.58 10.83
N GLU B 54 -21.81 -14.83 11.95
N GLU B 54 -21.68 -14.71 12.01
CA GLU B 54 -23.26 -14.52 11.99
CA GLU B 54 -23.10 -14.58 12.18
C GLU B 54 -23.57 -13.09 12.50
C GLU B 54 -23.52 -13.23 12.77
N GLN B 55 -22.56 -12.32 12.93
CA GLN B 55 -22.82 -10.92 13.38
C GLN B 55 -22.96 -9.96 12.20
N LYS B 56 -24.01 -9.13 12.20
CA LYS B 56 -24.38 -8.42 10.96
C LYS B 56 -23.45 -7.25 10.63
N GLY B 57 -23.11 -6.49 11.68
CA GLY B 57 -22.35 -5.22 11.57
C GLY B 57 -21.58 -4.91 12.84
N THR B 58 -20.61 -4.02 12.75
CA THR B 58 -19.96 -3.55 13.96
C THR B 58 -20.67 -2.28 14.34
N HIS B 59 -20.14 -1.54 15.32
CA HIS B 59 -20.70 -0.31 15.89
C HIS B 59 -19.74 0.84 15.65
N MET B 60 -19.90 1.44 14.48
CA MET B 60 -18.96 2.37 13.89
C MET B 60 -18.71 3.62 14.72
N SER B 61 -19.75 4.17 15.38
CA SER B 61 -19.59 5.40 16.12
C SER B 61 -18.68 5.20 17.32
N ARG B 62 -18.49 3.95 17.77
CA ARG B 62 -17.71 3.74 19.03
C ARG B 62 -16.18 3.96 18.84
N PHE B 63 -15.70 3.73 17.63
CA PHE B 63 -14.28 4.00 17.33
C PHE B 63 -14.02 5.49 17.51
N VAL B 64 -14.93 6.33 16.98
CA VAL B 64 -14.76 7.80 17.17
C VAL B 64 -14.88 8.22 18.66
N ALA B 65 -15.93 7.77 19.34
CA ALA B 65 -16.06 7.93 20.82
C ALA B 65 -14.77 7.61 21.59
N LEU B 66 -14.13 6.48 21.28
CA LEU B 66 -12.93 6.06 21.98
C LEU B 66 -11.82 7.16 21.82
N MET B 67 -11.67 7.66 20.58
CA MET B 67 -10.63 8.67 20.35
C MET B 67 -10.96 9.99 21.02
N GLU B 68 -12.26 10.34 21.02
CA GLU B 68 -12.71 11.64 21.58
C GLU B 68 -12.50 11.69 23.10
N GLN B 69 -12.61 10.52 23.74
CA GLN B 69 -12.54 10.38 25.21
C GLN B 69 -11.15 10.30 25.77
N HIS B 70 -10.23 9.67 25.04
N HIS B 70 -10.29 9.60 25.04
CA HIS B 70 -8.89 9.46 25.54
CA HIS B 70 -8.87 9.53 25.30
C HIS B 70 -7.93 10.56 25.14
C HIS B 70 -8.31 10.92 25.16
N THR B 71 -7.54 11.33 26.15
CA THR B 71 -6.85 12.60 26.03
C THR B 71 -5.34 12.39 26.27
N GLU B 72 -4.97 11.19 26.73
CA GLU B 72 -3.59 10.87 27.10
C GLU B 72 -2.60 11.01 25.91
N VAL B 73 -1.35 11.34 26.21
CA VAL B 73 -0.27 11.43 25.23
C VAL B 73 -0.09 10.04 24.60
N LEU B 74 0.16 10.00 23.30
CA LEU B 74 0.46 8.74 22.67
C LEU B 74 1.91 8.26 22.88
N ASP B 75 2.08 6.98 23.26
CA ASP B 75 3.38 6.28 23.18
C ASP B 75 3.07 4.79 23.12
N PHE B 76 4.05 3.88 23.12
CA PHE B 76 3.73 2.45 22.89
C PHE B 76 2.77 1.87 24.02
N ALA B 77 2.99 2.28 25.25
CA ALA B 77 2.12 1.84 26.35
C ALA B 77 0.69 2.37 26.11
N GLN B 78 0.52 3.65 25.75
CA GLN B 78 -0.86 4.17 25.52
C GLN B 78 -1.53 3.52 24.27
N LEU B 79 -0.74 3.14 23.25
CA LEU B 79 -1.30 2.45 22.07
C LEU B 79 -1.86 1.08 22.46
N HIS B 80 -1.13 0.40 23.33
CA HIS B 80 -1.56 -0.92 23.80
C HIS B 80 -2.90 -0.75 24.48
N ARG B 81 -2.95 0.24 25.37
CA ARG B 81 -4.11 0.50 26.23
C ARG B 81 -5.31 0.87 25.36
N LEU B 82 -5.09 1.71 24.33
CA LEU B 82 -6.19 2.06 23.42
CA LEU B 82 -6.14 2.09 23.40
C LEU B 82 -6.68 0.89 22.63
N THR B 83 -5.76 -0.02 22.23
CA THR B 83 -6.16 -1.14 21.42
C THR B 83 -6.95 -2.15 22.33
N ALA B 84 -6.46 -2.42 23.53
CA ALA B 84 -7.23 -3.21 24.54
C ALA B 84 -8.63 -2.68 24.73
N GLU B 85 -8.72 -1.39 24.99
CA GLU B 85 -9.99 -0.79 25.35
C GLU B 85 -10.93 -0.84 24.16
N MET B 86 -10.39 -0.74 22.94
CA MET B 86 -11.23 -0.76 21.73
C MET B 86 -11.87 -2.13 21.56
N VAL B 87 -11.08 -3.19 21.71
CA VAL B 87 -11.66 -4.52 21.38
C VAL B 87 -12.72 -4.85 22.48
N ALA B 88 -12.45 -4.36 23.68
CA ALA B 88 -13.42 -4.40 24.82
C ALA B 88 -14.68 -3.65 24.46
N LEU B 89 -14.55 -2.36 24.10
CA LEU B 89 -15.72 -1.51 23.82
C LEU B 89 -16.56 -2.04 22.62
N LEU B 90 -15.89 -2.61 21.64
CA LEU B 90 -16.60 -3.12 20.48
C LEU B 90 -17.08 -4.53 20.66
N ASP B 91 -16.73 -5.14 21.79
N ASP B 91 -16.70 -5.14 21.79
CA ASP B 91 -17.18 -6.50 22.09
CA ASP B 91 -17.05 -6.52 22.12
C ASP B 91 -16.65 -7.52 21.05
C ASP B 91 -16.62 -7.52 21.07
N SER B 92 -15.36 -7.39 20.69
CA SER B 92 -14.77 -8.26 19.66
C SER B 92 -13.62 -9.02 20.22
N ARG B 93 -13.29 -10.13 19.62
CA ARG B 93 -12.12 -10.83 20.14
C ARG B 93 -10.77 -10.33 19.57
N ALA B 94 -10.78 -9.51 18.50
CA ALA B 94 -9.52 -9.05 17.88
C ALA B 94 -9.70 -7.68 17.24
N GLY B 95 -8.61 -6.92 17.07
CA GLY B 95 -8.74 -5.70 16.25
C GLY B 95 -7.41 -4.99 16.20
N LYS B 96 -7.35 -3.90 15.44
CA LYS B 96 -6.05 -3.25 15.16
C LYS B 96 -6.23 -1.77 15.15
N ILE B 97 -5.25 -1.02 15.68
CA ILE B 97 -5.24 0.44 15.53
C ILE B 97 -3.93 0.79 14.80
N SER B 98 -4.02 1.55 13.73
CA SER B 98 -2.82 2.07 13.05
C SER B 98 -2.97 3.59 13.09
N VAL B 99 -1.88 4.26 13.44
CA VAL B 99 -1.85 5.72 13.51
C VAL B 99 -0.62 6.22 12.70
N SER B 100 -0.85 7.10 11.73
CA SER B 100 0.18 7.63 10.83
C SER B 100 0.28 9.12 11.03
N PHE B 101 1.50 9.63 11.03
CA PHE B 101 1.72 11.06 11.27
C PHE B 101 3.09 11.51 10.81
N PRO B 102 3.23 12.82 10.50
CA PRO B 102 4.57 13.41 10.38
C PRO B 102 5.21 13.52 11.80
N PHE B 103 6.52 13.27 11.85
CA PHE B 103 7.30 13.25 13.11
C PHE B 103 8.49 14.15 12.91
N PHE B 104 8.68 15.09 13.85
CA PHE B 104 9.81 16.03 13.75
C PHE B 104 10.93 15.74 14.73
N ARG B 105 12.16 15.95 14.26
CA ARG B 105 13.34 15.76 15.13
C ARG B 105 14.29 16.92 14.86
N LYS B 106 14.85 17.47 15.94
CA LYS B 106 15.81 18.55 15.84
C LYS B 106 17.21 18.02 15.45
N LYS B 107 17.81 18.58 14.40
CA LYS B 107 19.13 18.10 14.00
C LYS B 107 20.15 19.26 14.14
N THR B 108 21.44 18.94 14.07
CA THR B 108 22.57 19.86 14.21
C THR B 108 23.38 19.86 12.91
N ALA B 109 23.41 20.97 12.18
CA ALA B 109 24.27 21.04 10.96
C ALA B 109 25.73 20.61 11.27
N PRO B 110 26.37 19.91 10.32
CA PRO B 110 27.61 19.19 10.63
C PRO B 110 28.85 20.11 10.82
N VAL B 111 28.80 21.38 10.36
CA VAL B 111 29.96 22.32 10.55
C VAL B 111 29.58 23.51 11.48
N SER B 112 28.59 24.29 11.07
CA SER B 112 28.05 25.40 11.87
C SER B 112 27.40 25.02 13.19
N GLY B 113 26.90 23.75 13.28
CA GLY B 113 26.05 23.30 14.43
C GLY B 113 24.72 24.02 14.57
N ILE B 114 24.31 24.77 13.53
CA ILE B 114 23.06 25.51 13.59
C ILE B 114 21.97 24.39 13.61
N ARG B 115 21.00 24.52 14.54
CA ARG B 115 19.96 23.49 14.72
C ARG B 115 18.80 23.74 13.75
N SER B 116 18.14 22.67 13.25
CA SER B 116 16.89 22.85 12.47
C SER B 116 16.12 21.50 12.52
N LEU B 117 14.82 21.57 12.30
CA LEU B 117 13.99 20.33 12.33
C LEU B 117 14.12 19.57 11.02
N LEU B 118 13.90 18.27 11.10
CA LEU B 118 13.63 17.48 9.88
C LEU B 118 12.34 16.70 10.07
N ASP B 119 11.61 16.43 8.97
CA ASP B 119 10.34 15.70 9.08
C ASP B 119 10.42 14.30 8.54
N TYR B 120 9.80 13.36 9.27
CA TYR B 120 9.83 11.95 8.87
C TYR B 120 8.38 11.46 8.88
N ASP B 121 8.08 10.39 8.16
CA ASP B 121 6.66 9.86 8.17
C ASP B 121 6.68 8.58 8.98
N VAL B 122 5.75 8.47 9.90
CA VAL B 122 5.70 7.32 10.85
C VAL B 122 4.32 6.73 10.85
N SER B 123 4.24 5.39 10.97
CA SER B 123 3.03 4.69 11.36
C SER B 123 3.37 3.78 12.54
N LEU B 124 2.47 3.74 13.53
CA LEU B 124 2.58 2.70 14.62
C LEU B 124 1.30 1.83 14.57
N THR B 125 1.42 0.53 14.80
CA THR B 125 0.19 -0.28 14.74
C THR B 125 0.15 -1.13 16.03
N GLY B 126 -0.99 -1.15 16.69
CA GLY B 126 -1.26 -2.15 17.79
C GLY B 126 -2.32 -3.14 17.40
N GLU B 127 -2.18 -4.38 17.87
CA GLU B 127 -3.06 -5.43 17.45
C GLU B 127 -3.33 -6.36 18.65
N MET B 128 -4.62 -6.61 18.92
CA MET B 128 -5.07 -7.64 19.90
CA MET B 128 -5.11 -7.62 19.87
C MET B 128 -5.63 -8.83 19.10
N LYS B 129 -5.27 -10.04 19.54
CA LYS B 129 -5.83 -11.26 19.04
C LYS B 129 -6.08 -12.11 20.33
N ASP B 130 -7.35 -12.31 20.70
CA ASP B 130 -7.71 -13.17 21.86
C ASP B 130 -6.89 -12.88 23.11
N GLY B 131 -6.86 -11.61 23.51
CA GLY B 131 -6.11 -11.13 24.68
C GLY B 131 -4.59 -11.07 24.59
N ALA B 132 -4.00 -11.50 23.47
CA ALA B 132 -2.55 -11.28 23.25
C ALA B 132 -2.35 -9.97 22.41
N TYR B 133 -1.36 -9.16 22.81
CA TYR B 133 -1.02 -7.89 22.08
C TYR B 133 0.24 -8.00 21.24
N GLY B 134 0.27 -7.37 20.06
CA GLY B 134 1.52 -7.24 19.29
C GLY B 134 1.59 -5.79 18.79
N HIS B 135 2.80 -5.26 18.56
CA HIS B 135 2.90 -3.92 17.96
C HIS B 135 3.98 -3.92 16.88
N SER B 136 3.89 -2.92 16.03
CA SER B 136 4.83 -2.80 14.91
C SER B 136 4.89 -1.33 14.52
N MET B 137 5.87 -1.00 13.68
CA MET B 137 6.06 0.41 13.34
C MET B 137 6.63 0.51 11.93
N LYS B 138 6.49 1.68 11.35
CA LYS B 138 7.04 1.90 10.03
C LYS B 138 7.62 3.34 9.99
N VAL B 139 8.79 3.57 9.38
CA VAL B 139 9.40 4.91 9.38
C VAL B 139 9.97 5.11 8.03
N MET B 140 9.59 6.24 7.41
CA MET B 140 10.18 6.68 6.17
C MET B 140 11.16 7.82 6.46
N ILE B 141 12.42 7.54 6.15
CA ILE B 141 13.53 8.46 6.39
C ILE B 141 14.07 8.91 5.01
N PRO B 142 13.98 10.23 4.75
CA PRO B 142 14.56 10.75 3.52
C PRO B 142 16.06 11.07 3.65
N VAL B 143 16.88 10.68 2.65
CA VAL B 143 18.39 10.78 2.80
C VAL B 143 18.86 11.22 1.42
N THR B 144 20.15 11.50 1.27
CA THR B 144 20.79 11.69 0.00
C THR B 144 21.41 10.38 -0.50
N SER B 145 21.18 10.02 -1.78
CA SER B 145 21.92 8.88 -2.37
C SER B 145 22.83 9.39 -3.44
N LEU B 146 23.99 8.77 -3.64
CA LEU B 146 24.96 9.24 -4.71
C LEU B 146 25.56 7.99 -5.40
N CYS B 147 25.69 8.07 -6.72
CA CYS B 147 25.89 6.87 -7.53
C CYS B 147 27.39 6.48 -7.72
N PRO B 148 27.77 5.27 -7.24
CA PRO B 148 29.18 4.85 -7.39
C PRO B 148 29.61 4.66 -8.87
N SNC B 149 28.66 4.27 -9.75
CA SNC B 149 29.03 4.02 -11.16
CB SNC B 149 27.96 3.13 -11.84
SG SNC B 149 28.07 3.16 -13.63
ND SNC B 149 29.41 2.27 -13.95
OE SNC B 149 29.84 1.41 -13.19
C SNC B 149 29.30 5.35 -11.78
O SNC B 149 30.33 5.52 -12.43
N SER B 150 28.40 6.35 -11.57
CA SER B 150 28.55 7.74 -12.07
C SER B 150 29.92 8.37 -11.72
N LYS B 151 30.29 8.27 -10.44
CA LYS B 151 31.56 8.80 -9.96
C LYS B 151 32.77 8.08 -10.66
N GLU B 152 32.78 6.77 -10.62
CA GLU B 152 33.87 5.95 -11.18
C GLU B 152 34.08 6.20 -12.68
N ILE B 153 33.00 6.29 -13.47
CA ILE B 153 33.11 6.49 -14.93
C ILE B 153 33.40 7.95 -15.34
N SER B 154 33.02 8.93 -14.51
CA SER B 154 33.08 10.34 -14.92
C SER B 154 34.38 10.99 -14.48
N GLN B 155 34.85 11.91 -15.30
CA GLN B 155 36.12 12.59 -14.90
C GLN B 155 35.96 13.58 -13.78
N TYR B 156 34.73 14.08 -13.61
CA TYR B 156 34.34 14.89 -12.47
C TYR B 156 32.78 14.73 -12.25
N GLY B 157 32.31 15.12 -11.06
CA GLY B 157 30.88 14.95 -10.70
C GLY B 157 30.43 13.53 -10.43
N ALA B 158 29.23 13.43 -9.86
CA ALA B 158 28.55 12.19 -9.62
C ALA B 158 27.04 12.51 -9.44
N HIS B 159 26.16 11.83 -10.16
CA HIS B 159 24.72 12.15 -10.02
C HIS B 159 24.24 11.68 -8.66
N ASN B 160 23.33 12.44 -8.07
CA ASN B 160 22.87 12.14 -6.70
C ASN B 160 21.44 12.64 -6.65
N GLN B 161 20.70 12.29 -5.60
CA GLN B 161 19.26 12.53 -5.55
C GLN B 161 18.76 12.23 -4.16
N ARG B 162 17.58 12.80 -3.83
CA ARG B 162 16.89 12.35 -2.64
C ARG B 162 16.39 10.90 -2.82
N SER B 163 16.41 10.16 -1.68
CA SER B 163 15.95 8.78 -1.54
C SER B 163 15.02 8.71 -0.36
N HIS B 164 14.05 7.81 -0.45
CA HIS B 164 13.07 7.60 0.66
C HIS B 164 13.37 6.18 1.13
N VAL B 165 13.85 6.08 2.36
CA VAL B 165 14.14 4.74 2.90
C VAL B 165 13.02 4.45 3.90
N THR B 166 12.33 3.30 3.67
CA THR B 166 11.23 2.91 4.52
C THR B 166 11.56 1.62 5.32
N VAL B 167 11.55 1.74 6.64
CA VAL B 167 11.81 0.56 7.56
C VAL B 167 10.51 0.19 8.24
N SER B 168 10.04 -1.05 8.02
CA SER B 168 8.89 -1.60 8.76
C SER B 168 9.52 -2.66 9.72
N LEU B 169 9.13 -2.66 10.98
CA LEU B 169 9.65 -3.73 11.90
C LEU B 169 8.59 -4.08 12.94
N THR B 170 8.76 -5.29 13.52
CA THR B 170 7.97 -5.76 14.63
CA THR B 170 7.96 -5.81 14.65
C THR B 170 8.95 -6.21 15.72
N SER B 171 8.71 -5.77 16.94
CA SER B 171 9.52 -6.31 18.06
C SER B 171 8.61 -6.52 19.26
N ASP B 172 9.10 -7.20 20.31
CA ASP B 172 8.39 -7.12 21.60
C ASP B 172 8.80 -5.95 22.50
N ALA B 173 10.09 -5.77 22.75
CA ALA B 173 10.51 -4.60 23.50
C ALA B 173 10.39 -3.43 22.54
N GLU B 174 10.19 -2.22 23.07
CA GLU B 174 10.00 -1.04 22.28
C GLU B 174 11.30 -0.65 21.57
N VAL B 175 11.20 -0.43 20.26
CA VAL B 175 12.29 0.22 19.50
C VAL B 175 11.84 1.69 19.25
N GLY B 176 12.65 2.67 19.62
CA GLY B 176 12.22 4.07 19.49
C GLY B 176 12.22 4.51 18.01
N ILE B 177 11.29 5.39 17.63
CA ILE B 177 11.34 6.05 16.32
C ILE B 177 12.72 6.65 16.01
N GLU B 178 13.33 7.39 16.96
CA GLU B 178 14.67 8.00 16.76
C GLU B 178 15.74 6.94 16.48
N GLU B 179 15.57 5.74 17.08
CA GLU B 179 16.52 4.65 16.84
C GLU B 179 16.50 4.19 15.41
N VAL B 180 15.29 4.06 14.87
CA VAL B 180 15.16 3.62 13.47
C VAL B 180 15.76 4.71 12.58
N ILE B 181 15.45 5.96 12.87
CA ILE B 181 16.03 7.09 12.11
C ILE B 181 17.56 7.03 12.12
N ASP B 182 18.12 6.79 13.30
CA ASP B 182 19.59 6.74 13.39
C ASP B 182 20.15 5.58 12.62
N TYR B 183 19.52 4.39 12.68
CA TYR B 183 20.03 3.24 11.91
C TYR B 183 20.20 3.59 10.44
N VAL B 184 19.20 4.30 9.94
CA VAL B 184 19.24 4.65 8.51
C VAL B 184 20.19 5.85 8.21
N GLU B 185 20.07 6.95 8.89
CA GLU B 185 20.91 8.15 8.58
C GLU B 185 22.37 7.81 8.67
N THR B 186 22.73 6.97 9.67
CA THR B 186 24.14 6.50 9.75
C THR B 186 24.62 5.83 8.46
N GLN B 187 23.71 5.15 7.73
CA GLN B 187 24.18 4.41 6.57
C GLN B 187 24.12 5.20 5.23
N ALA B 188 23.42 6.30 5.20
CA ALA B 188 23.21 7.01 3.89
C ALA B 188 24.52 7.63 3.37
N SER B 189 24.69 7.75 2.05
CA SER B 189 25.79 8.53 1.50
C SER B 189 25.93 9.87 2.25
N CYS B 190 24.78 10.55 2.44
CA CYS B 190 24.71 11.64 3.40
C CYS B 190 23.24 11.85 3.87
N GLN B 191 23.06 12.30 5.08
CA GLN B 191 21.69 12.56 5.60
C GLN B 191 21.25 14.00 5.27
N LEU B 192 19.96 14.31 5.46
CA LEU B 192 19.40 15.64 5.08
C LEU B 192 19.33 16.59 6.25
N TYR B 193 19.34 17.89 5.97
CA TYR B 193 19.13 18.95 7.00
C TYR B 193 18.30 20.03 6.35
N GLY B 194 17.48 20.72 7.14
CA GLY B 194 16.67 21.78 6.59
C GLY B 194 17.56 23.01 6.43
N LEU B 195 18.42 23.24 7.41
CA LEU B 195 19.21 24.47 7.48
C LEU B 195 20.70 24.19 7.34
N LEU B 196 21.28 24.71 6.27
CA LEU B 196 22.70 24.46 5.97
C LEU B 196 23.32 25.77 5.58
N LYS B 197 24.37 26.14 6.29
CA LYS B 197 25.24 27.26 5.86
C LYS B 197 26.25 26.78 4.77
N ARG B 198 26.96 27.74 4.14
CA ARG B 198 27.89 27.45 3.06
CA ARG B 198 27.89 27.46 3.06
C ARG B 198 28.92 26.39 3.52
N PRO B 199 29.53 26.52 4.74
CA PRO B 199 30.46 25.44 5.10
C PRO B 199 29.74 24.08 5.29
N ASP B 200 28.45 24.12 5.61
CA ASP B 200 27.67 22.86 5.79
C ASP B 200 27.40 22.21 4.40
N GLU B 201 27.04 23.05 3.42
CA GLU B 201 26.80 22.61 2.07
C GLU B 201 28.07 21.97 1.49
N LYS B 202 29.21 22.65 1.67
CA LYS B 202 30.48 22.04 1.28
C LYS B 202 30.71 20.67 1.95
N TYR B 203 30.45 20.56 3.25
CA TYR B 203 30.72 19.32 3.96
C TYR B 203 29.82 18.14 3.39
N VAL B 204 28.55 18.42 3.23
CA VAL B 204 27.57 17.41 2.78
C VAL B 204 27.83 17.00 1.30
N THR B 205 28.19 17.96 0.45
CA THR B 205 28.56 17.68 -0.93
C THR B 205 29.74 16.66 -1.00
N GLU B 206 30.81 16.97 -0.26
CA GLU B 206 32.02 16.15 -0.21
C GLU B 206 31.73 14.80 0.44
N LYS B 207 31.00 14.80 1.55
CA LYS B 207 30.76 13.56 2.29
C LYS B 207 29.98 12.56 1.36
N ALA B 208 28.96 13.06 0.63
CA ALA B 208 28.17 12.13 -0.19
C ALA B 208 29.10 11.57 -1.28
N TYR B 209 29.93 12.47 -1.82
CA TYR B 209 30.83 12.12 -2.93
C TYR B 209 31.89 11.12 -2.46
N GLU B 210 32.27 11.25 -1.19
CA GLU B 210 33.21 10.29 -0.62
C GLU B 210 32.53 8.95 -0.26
N ASN B 211 31.19 8.91 -0.17
CA ASN B 211 30.48 7.69 0.26
C ASN B 211 29.35 7.27 -0.70
N PRO B 212 29.70 6.99 -1.97
CA PRO B 212 28.66 6.63 -2.95
C PRO B 212 28.05 5.28 -2.54
N LYS B 213 26.74 5.11 -2.75
CA LYS B 213 26.10 3.81 -2.52
C LYS B 213 25.01 3.57 -3.55
N PHE B 214 25.03 2.38 -4.14
CA PHE B 214 23.84 1.91 -4.92
C PHE B 214 22.67 1.68 -3.98
N VAL B 215 21.46 1.53 -4.56
CA VAL B 215 20.26 1.26 -3.77
C VAL B 215 20.48 -0.12 -3.10
N GLU B 216 21.18 -1.02 -3.78
CA GLU B 216 21.51 -2.36 -3.23
C GLU B 216 22.34 -2.23 -1.97
N ASP B 217 23.33 -1.33 -2.01
CA ASP B 217 24.24 -1.08 -0.91
C ASP B 217 23.46 -0.56 0.29
N MET B 218 22.56 0.40 0.03
CA MET B 218 21.78 1.06 1.09
CA MET B 218 21.76 1.06 1.06
C MET B 218 20.90 0.06 1.83
N VAL B 219 20.19 -0.79 1.11
CA VAL B 219 19.26 -1.73 1.77
C VAL B 219 20.05 -2.81 2.55
N ARG B 220 21.16 -3.28 2.00
CA ARG B 220 22.04 -4.32 2.70
C ARG B 220 22.62 -3.68 3.95
N ASP B 221 23.05 -2.43 3.82
CA ASP B 221 23.72 -1.73 4.97
C ASP B 221 22.76 -1.47 6.10
N VAL B 222 21.55 -0.99 5.75
CA VAL B 222 20.56 -0.85 6.82
C VAL B 222 20.14 -2.24 7.42
N ALA B 223 19.88 -3.23 6.56
CA ALA B 223 19.32 -4.51 7.02
C ALA B 223 20.32 -5.21 8.04
N THR B 224 21.59 -5.06 7.74
CA THR B 224 22.66 -5.60 8.63
C THR B 224 22.54 -4.97 10.01
N SER B 225 22.34 -3.65 10.08
CA SER B 225 22.12 -2.97 11.40
C SER B 225 20.92 -3.48 12.16
N LEU B 226 19.84 -3.71 11.43
CA LEU B 226 18.60 -4.21 12.05
C LEU B 226 18.74 -5.68 12.52
N ILE B 227 19.36 -6.52 11.69
CA ILE B 227 19.67 -7.93 12.03
C ILE B 227 20.45 -7.99 13.35
N ALA B 228 21.40 -7.07 13.52
CA ALA B 228 22.16 -6.94 14.79
C ALA B 228 21.36 -6.47 16.03
N ASP B 229 20.12 -5.97 15.85
CA ASP B 229 19.36 -5.46 16.94
C ASP B 229 18.50 -6.62 17.35
N LYS B 230 18.77 -7.16 18.53
CA LYS B 230 18.13 -8.42 18.86
CA LYS B 230 18.15 -8.38 19.04
C LYS B 230 16.68 -8.19 19.43
N ARG B 231 16.23 -6.94 19.60
CA ARG B 231 14.81 -6.67 19.91
C ARG B 231 13.90 -6.95 18.69
N ILE B 232 14.48 -6.87 17.48
CA ILE B 232 13.70 -6.93 16.23
C ILE B 232 13.35 -8.36 15.81
N LYS B 233 12.07 -8.70 15.79
CA LYS B 233 11.63 -10.03 15.30
C LYS B 233 11.60 -10.17 13.82
N SER B 234 11.12 -9.14 13.08
CA SER B 234 11.11 -9.24 11.63
C SER B 234 11.12 -7.77 11.07
N PHE B 235 11.47 -7.61 9.81
CA PHE B 235 11.48 -6.24 9.29
C PHE B 235 11.43 -6.30 7.81
N VAL B 236 11.15 -5.13 7.20
CA VAL B 236 11.35 -4.97 5.77
C VAL B 236 12.14 -3.64 5.65
N VAL B 237 13.19 -3.59 4.81
CA VAL B 237 13.83 -2.31 4.45
C VAL B 237 13.64 -2.09 2.98
N GLU B 238 13.08 -0.94 2.61
CA GLU B 238 12.94 -0.63 1.16
C GLU B 238 13.73 0.62 0.96
N SER B 239 14.31 0.81 -0.22
CA SER B 239 14.75 2.18 -0.54
C SER B 239 14.27 2.56 -1.94
N GLU B 240 13.78 3.79 -2.09
CA GLU B 240 13.44 4.28 -3.47
C GLU B 240 14.29 5.50 -3.75
N ASN B 241 15.08 5.49 -4.85
CA ASN B 241 16.04 6.55 -5.10
C ASN B 241 15.53 7.26 -6.35
N PHE B 242 15.22 8.53 -6.22
CA PHE B 242 14.61 9.32 -7.31
C PHE B 242 15.66 9.77 -8.30
N GLU B 243 16.24 8.82 -9.02
CA GLU B 243 17.42 9.00 -9.83
C GLU B 243 17.40 10.32 -10.60
N SER B 244 18.42 11.17 -10.42
CA SER B 244 18.32 12.52 -10.98
C SER B 244 18.55 12.55 -12.52
N ILE B 245 19.02 11.44 -13.09
CA ILE B 245 19.24 11.34 -14.57
C ILE B 245 18.12 10.62 -15.37
N HIS B 246 17.17 10.04 -14.64
CA HIS B 246 16.01 9.39 -15.25
C HIS B 246 14.73 10.05 -14.77
N ASN B 247 13.60 9.61 -15.36
CA ASN B 247 12.30 9.96 -14.76
C ASN B 247 11.63 8.79 -14.07
N HIS B 248 12.43 7.86 -13.55
CA HIS B 248 11.79 6.75 -12.84
C HIS B 248 12.76 6.52 -11.68
N SER B 249 12.48 5.54 -10.82
CA SER B 249 13.32 5.36 -9.61
C SER B 249 14.04 4.05 -9.63
N ALA B 250 15.15 3.97 -8.93
CA ALA B 250 15.76 2.68 -8.52
C ALA B 250 15.15 2.28 -7.22
N TYR B 251 14.92 0.96 -7.03
CA TYR B 251 14.21 0.50 -5.89
C TYR B 251 14.76 -0.85 -5.40
N ALA B 252 14.77 -1.09 -4.10
CA ALA B 252 15.12 -2.45 -3.64
C ALA B 252 14.42 -2.70 -2.35
N TYR B 253 14.22 -3.97 -2.02
CA TYR B 253 13.85 -4.29 -0.67
C TYR B 253 14.39 -5.62 -0.17
N ILE B 254 14.58 -5.66 1.14
CA ILE B 254 14.90 -6.89 1.84
C ILE B 254 13.88 -7.13 2.89
N ALA B 255 13.42 -8.38 2.97
CA ALA B 255 12.59 -8.79 4.09
C ALA B 255 13.29 -9.84 4.93
N TYR B 256 13.02 -9.87 6.21
CA TYR B 256 13.70 -10.80 7.11
C TYR B 256 12.74 -11.15 8.23
N PRO B 257 12.68 -12.41 8.67
CA PRO B 257 13.59 -13.47 8.27
C PRO B 257 13.11 -14.08 7.00
ZN ZN C . -25.26 5.00 7.90
C1 EDO D . -4.09 -13.47 -12.16
O1 EDO D . -4.50 -14.27 -11.04
C2 EDO D . -4.43 -14.29 -13.40
O2 EDO D . -5.84 -14.18 -13.57
C1 EDO E . -1.04 -17.43 -19.28
O1 EDO E . -2.20 -17.31 -18.44
C2 EDO E . 0.11 -18.08 -18.51
O2 EDO E . 1.08 -18.53 -19.48
ZN ZN F . 23.98 6.00 -11.71
C TRS G . 21.95 3.81 -12.16
C1 TRS G . 21.79 3.48 -10.66
C2 TRS G . 20.73 3.42 -12.97
C3 TRS G . 23.12 3.07 -12.80
N TRS G . 22.18 5.28 -12.25
O1 TRS G . 21.86 2.08 -10.48
O2 TRS G . 20.73 4.09 -14.25
O3 TRS G . 24.39 3.71 -12.64
C1 EDO H . 7.01 -1.79 17.64
O1 EDO H . 7.75 -2.74 16.91
C2 EDO H . 7.74 -1.50 18.96
O2 EDO H . 8.91 -0.79 18.64
C1 EDO I . 8.05 -6.69 8.72
O1 EDO I . 7.79 -7.87 9.46
C2 EDO I . 7.09 -5.61 9.14
O2 EDO I . 7.05 -5.62 10.53
C1 EDO J . 23.25 14.48 12.60
O1 EDO J . 22.30 13.39 12.77
C2 EDO J . 23.03 15.58 13.68
O2 EDO J . 21.64 15.82 13.98
C1 EDO K . 1.32 -6.85 15.30
O1 EDO K . 2.38 -7.33 14.48
C2 EDO K . 0.95 -5.42 14.95
O2 EDO K . 1.10 -5.17 13.54
C1 EDO L . 36.93 11.56 -2.75
O1 EDO L . 36.44 10.24 -2.52
C2 EDO L . 37.93 11.44 -3.88
O2 EDO L . 37.29 10.65 -4.90
C1 EDO M . 7.05 5.74 20.47
O1 EDO M . 7.08 6.30 21.80
C2 EDO M . 8.44 5.28 19.99
O2 EDO M . 9.39 6.35 19.72
C FMT N . 22.01 5.67 -6.75
O1 FMT N . 22.15 6.32 -7.80
O2 FMT N . 20.80 5.16 -6.44
#